data_8RQ8
#
_entry.id   8RQ8
#
_cell.length_a   51.046
_cell.length_b   51.046
_cell.length_c   267.677
_cell.angle_alpha   90.000
_cell.angle_beta   90.000
_cell.angle_gamma   90.000
#
_symmetry.space_group_name_H-M   'P 43 21 2'
#
loop_
_entity.id
_entity.type
_entity.pdbx_description
1 polymer 'Protein cereblon'
2 non-polymer 'ZINC ION'
3 non-polymer Mezigdomide
4 water water
#
_entity_poly.entity_id   1
_entity_poly.type   'polypeptide(L)'
_entity_poly.pdbx_seq_one_letter_code
;SAKKPNIINFDTSLPTSHTYLGADMEEFHGRTLHDDDSIQVIPVLPQVMMILVPGQTLPLQLFHPQEVSMVRNLIQNDRT
FAVLAYSNVQEREAEFGTTAEIYAYREEQDFGIEIVKVKAIGRQRFKVLELRTQSDGIQQAKVQILPEGSGDAETLMDRI
KKQLREWDENLKDDSLPSNPIDFSYWVAANLPIDDSLRIQLLKIDSAIQRLRCELDIMNKCTSLCCKQCQETEITTKNEI
FSLSREGPMAAYVNPHGYVHEILTVYKACNLNLIGRPSTEHSWFPGYAWTVAQCKICASHIGWKFTATKKDMSPQKFWGL
TRSALIPTI
;
_entity_poly.pdbx_strand_id   A
#
loop_
_chem_comp.id
_chem_comp.type
_chem_comp.name
_chem_comp.formula
QFC non-polymer Mezigdomide 'C32 H30 F N5 O4'
ZN non-polymer 'ZINC ION' 'Zn 2'
#
# COMPACT_ATOMS: atom_id res chain seq x y z
N ILE A 8 -20.76 -6.21 -7.91
CA ILE A 8 -19.67 -7.15 -8.29
C ILE A 8 -20.01 -8.55 -7.76
N ASN A 9 -19.41 -9.58 -8.34
CA ASN A 9 -19.64 -10.97 -7.87
C ASN A 9 -18.33 -11.47 -7.27
N PHE A 10 -17.32 -10.62 -7.19
CA PHE A 10 -15.97 -11.04 -6.72
C PHE A 10 -15.89 -10.98 -5.20
N ASP A 11 -14.97 -11.75 -4.61
CA ASP A 11 -14.78 -11.71 -3.19
C ASP A 11 -13.82 -10.64 -2.83
N THR A 12 -14.28 -9.63 -2.17
CA THR A 12 -13.45 -8.51 -1.85
C THR A 12 -12.57 -8.79 -0.66
N SER A 13 -12.40 -10.03 -0.33
CA SER A 13 -11.58 -10.41 0.77
C SER A 13 -10.49 -11.29 0.33
N LEU A 14 -10.42 -11.61 -0.96
CA LEU A 14 -9.36 -12.42 -1.51
C LEU A 14 -8.17 -11.57 -1.95
N PRO A 15 -8.40 -10.37 -2.53
CA PRO A 15 -7.24 -9.49 -2.77
C PRO A 15 -6.45 -9.21 -1.52
N THR A 16 -7.11 -9.22 -0.36
CA THR A 16 -6.47 -8.89 0.91
C THR A 16 -5.76 -10.08 1.55
N SER A 17 -5.99 -11.30 1.05
CA SER A 17 -5.33 -12.48 1.58
C SER A 17 -3.97 -12.75 0.93
N HIS A 18 -3.68 -12.09 -0.20
CA HIS A 18 -2.43 -12.25 -0.93
C HIS A 18 -2.10 -13.74 -1.12
N THR A 19 -3.05 -14.45 -1.71
CA THR A 19 -2.91 -15.89 -1.92
C THR A 19 -1.91 -16.23 -3.01
N TYR A 20 -1.49 -15.26 -3.82
CA TYR A 20 -0.38 -15.50 -4.73
C TYR A 20 0.93 -15.75 -3.98
N LEU A 21 0.97 -15.47 -2.68
CA LEU A 21 2.14 -15.71 -1.86
C LEU A 21 2.18 -17.12 -1.28
N GLY A 22 1.22 -17.96 -1.64
CA GLY A 22 1.08 -19.25 -1.00
C GLY A 22 -0.07 -19.25 -0.03
N ALA A 23 -0.82 -20.35 0.02
CA ALA A 23 -2.03 -20.42 0.80
C ALA A 23 -1.83 -21.02 2.17
N ASP A 24 -0.58 -21.20 2.61
CA ASP A 24 -0.30 -21.86 3.89
C ASP A 24 0.72 -21.03 4.69
N MET A 25 0.24 -20.02 5.38
CA MET A 25 1.08 -19.14 6.19
C MET A 25 0.77 -19.33 7.66
N GLU A 26 1.82 -19.25 8.49
CA GLU A 26 1.62 -19.12 9.92
C GLU A 26 0.87 -17.82 10.20
N GLU A 27 0.20 -17.79 11.34
CA GLU A 27 -0.52 -16.57 11.78
C GLU A 27 0.03 -16.22 13.15
N PHE A 28 0.24 -14.95 13.39
CA PHE A 28 0.66 -14.46 14.71
C PHE A 28 -0.49 -13.54 15.10
N HIS A 29 -1.08 -13.77 16.25
CA HIS A 29 -2.29 -13.02 16.64
C HIS A 29 -1.89 -11.94 17.66
N GLY A 30 -0.83 -12.18 18.44
CA GLY A 30 -0.40 -11.22 19.42
C GLY A 30 -0.20 -9.85 18.81
N ARG A 31 -0.31 -8.82 19.65
CA ARG A 31 -0.11 -7.45 19.18
C ARG A 31 1.02 -6.84 19.96
N THR A 32 1.57 -5.74 19.47
CA THR A 32 2.64 -5.03 20.21
C THR A 32 2.45 -3.55 19.92
N LEU A 33 1.99 -2.81 20.91
CA LEU A 33 1.89 -1.34 20.72
C LEU A 33 2.83 -0.67 21.71
N HIS A 34 3.85 0.01 21.21
CA HIS A 34 4.77 0.75 22.05
C HIS A 34 4.08 2.01 22.59
N ASP A 35 4.56 2.49 23.73
CA ASP A 35 4.02 3.69 24.32
C ASP A 35 4.49 4.93 23.54
N ASP A 36 3.77 6.03 23.75
CA ASP A 36 4.08 7.26 23.03
C ASP A 36 5.23 8.00 23.69
N ASP A 37 5.97 8.74 22.86
CA ASP A 37 7.25 9.35 23.22
C ASP A 37 8.34 8.32 23.48
N SER A 38 7.97 7.04 23.52
CA SER A 38 8.96 6.00 23.76
C SER A 38 9.98 5.96 22.62
N ILE A 39 11.19 5.50 22.94
CA ILE A 39 12.31 5.47 22.00
C ILE A 39 12.73 4.02 21.79
N GLN A 40 12.63 3.55 20.55
CA GLN A 40 12.79 2.15 20.22
C GLN A 40 13.78 1.99 19.09
N VAL A 41 14.50 0.86 19.12
CA VAL A 41 15.46 0.54 18.03
C VAL A 41 14.82 -0.57 17.20
N ILE A 42 14.59 -0.30 15.92
CA ILE A 42 13.84 -1.27 15.07
C ILE A 42 14.61 -1.47 13.76
N PRO A 43 14.65 -2.69 13.18
CA PRO A 43 15.27 -2.89 11.89
C PRO A 43 14.54 -2.16 10.76
N VAL A 44 15.28 -1.70 9.75
CA VAL A 44 14.67 -0.99 8.60
C VAL A 44 14.59 -1.94 7.40
N LEU A 45 13.40 -2.08 6.82
CA LEU A 45 13.22 -2.90 5.60
C LEU A 45 14.19 -2.41 4.52
N PRO A 46 15.06 -3.29 4.00
CA PRO A 46 16.12 -2.89 3.06
C PRO A 46 15.83 -2.33 1.66
N GLN A 47 14.79 -2.78 0.96
CA GLN A 47 14.64 -2.33 -0.45
C GLN A 47 13.38 -1.47 -0.65
N VAL A 48 12.32 -1.74 0.11
CA VAL A 48 11.04 -0.99 -0.07
C VAL A 48 11.30 0.50 0.06
N MET A 49 10.78 1.27 -0.88
CA MET A 49 10.90 2.75 -0.82
C MET A 49 9.47 3.29 -0.86
N MET A 50 8.70 2.99 0.17
CA MET A 50 7.28 3.42 0.21
C MET A 50 6.97 4.24 1.45
N ILE A 51 5.81 4.87 1.45
CA ILE A 51 5.34 5.65 2.59
C ILE A 51 4.18 4.87 3.19
N LEU A 52 4.47 4.08 4.23
CA LEU A 52 3.46 3.24 4.85
C LEU A 52 2.57 4.06 5.77
N VAL A 53 1.28 3.73 5.77
CA VAL A 53 0.28 4.40 6.58
C VAL A 53 -0.21 3.39 7.62
N PRO A 54 -0.39 3.78 8.88
CA PRO A 54 -0.97 2.84 9.84
C PRO A 54 -2.28 2.27 9.31
N GLY A 55 -2.41 0.95 9.34
CA GLY A 55 -3.54 0.25 8.82
C GLY A 55 -3.27 -0.44 7.48
N GLN A 56 -2.32 0.08 6.71
CA GLN A 56 -2.02 -0.46 5.39
C GLN A 56 -1.25 -1.78 5.51
N THR A 57 -1.50 -2.68 4.57
CA THR A 57 -0.95 -4.02 4.59
C THR A 57 0.23 -4.11 3.63
N LEU A 58 1.34 -4.67 4.11
CA LEU A 58 2.56 -4.77 3.32
C LEU A 58 2.84 -6.23 2.99
N PRO A 59 2.74 -6.64 1.73
CA PRO A 59 3.15 -8.00 1.33
C PRO A 59 4.61 -7.98 0.92
N LEU A 60 5.33 -9.03 1.33
CA LEU A 60 6.78 -9.03 1.16
C LEU A 60 7.28 -10.40 0.73
N GLN A 61 8.31 -10.37 -0.12
CA GLN A 61 8.91 -11.56 -0.69
C GLN A 61 10.42 -11.37 -0.62
N LEU A 62 11.08 -12.10 0.28
CA LEU A 62 12.47 -11.86 0.62
C LEU A 62 13.33 -13.03 0.19
N PHE A 63 14.45 -12.73 -0.46
CA PHE A 63 15.30 -13.72 -1.08
C PHE A 63 16.73 -13.70 -0.57
N HIS A 64 17.26 -12.55 -0.22
CA HIS A 64 18.66 -12.46 0.09
C HIS A 64 18.94 -12.95 1.50
N PRO A 65 20.07 -13.67 1.74
CA PRO A 65 20.32 -14.27 3.06
C PRO A 65 20.27 -13.26 4.20
N GLN A 66 20.78 -12.05 3.96
CA GLN A 66 20.80 -11.00 5.01
C GLN A 66 19.37 -10.66 5.41
N GLU A 67 18.48 -10.54 4.44
CA GLU A 67 17.09 -10.14 4.71
C GLU A 67 16.34 -11.33 5.32
N VAL A 68 16.69 -12.54 4.93
CA VAL A 68 16.00 -13.71 5.45
C VAL A 68 16.35 -13.95 6.90
N SER A 69 17.59 -13.65 7.29
CA SER A 69 17.99 -13.84 8.68
C SER A 69 17.36 -12.79 9.58
N MET A 70 17.30 -11.54 9.12
CA MET A 70 16.64 -10.49 9.88
C MET A 70 15.20 -10.90 10.24
N VAL A 71 14.40 -11.22 9.21
CA VAL A 71 13.01 -11.55 9.47
C VAL A 71 12.90 -12.74 10.41
N ARG A 72 13.91 -13.61 10.40
CA ARG A 72 13.91 -14.73 11.34
C ARG A 72 14.15 -14.25 12.76
N ASN A 73 14.93 -13.21 12.96
CA ASN A 73 15.18 -12.62 14.30
C ASN A 73 13.95 -11.83 14.75
N LEU A 74 13.24 -11.20 13.82
CA LEU A 74 11.99 -10.43 14.13
C LEU A 74 10.92 -11.38 14.67
N ILE A 75 10.79 -12.56 14.07
CA ILE A 75 9.80 -13.59 14.53
C ILE A 75 10.19 -14.01 15.96
N GLN A 76 11.49 -14.13 16.26
CA GLN A 76 11.93 -14.49 17.63
C GLN A 76 11.65 -13.33 18.56
N ASN A 77 11.73 -12.11 18.03
CA ASN A 77 11.50 -10.88 18.83
C ASN A 77 10.16 -10.27 18.43
N ASP A 78 10.00 -8.96 18.58
CA ASP A 78 8.72 -8.23 18.33
C ASP A 78 7.96 -8.48 17.00
N ARG A 79 8.61 -8.95 15.94
CA ARG A 79 7.94 -9.15 14.62
C ARG A 79 7.60 -7.77 14.06
N THR A 80 8.28 -6.73 14.54
CA THR A 80 7.97 -5.36 14.11
C THR A 80 9.21 -4.72 13.51
N PHE A 81 9.06 -4.02 12.41
CA PHE A 81 10.16 -3.33 11.76
C PHE A 81 9.70 -1.95 11.31
N ALA A 82 10.61 -1.21 10.69
CA ALA A 82 10.40 0.20 10.36
C ALA A 82 10.41 0.42 8.86
N VAL A 83 9.45 1.21 8.38
CA VAL A 83 9.34 1.59 6.98
C VAL A 83 9.36 3.11 6.94
N LEU A 84 10.42 3.68 6.37
CA LEU A 84 10.66 5.10 6.44
C LEU A 84 9.97 5.84 5.30
N ALA A 85 9.66 7.11 5.55
CA ALA A 85 9.10 8.01 4.55
C ALA A 85 10.24 8.89 4.04
N TYR A 86 10.62 8.70 2.78
CA TYR A 86 11.74 9.43 2.20
C TYR A 86 11.24 10.66 1.48
N SER A 87 11.76 11.83 1.88
CA SER A 87 11.48 13.05 1.14
C SER A 87 12.11 13.00 -0.25
N ASN A 88 13.31 12.44 -0.36
CA ASN A 88 13.97 12.30 -1.65
C ASN A 88 13.81 10.87 -2.17
N ALA A 94 14.66 10.96 5.19
CA ALA A 94 14.02 10.02 6.10
C ALA A 94 14.02 10.56 7.53
N GLU A 95 13.03 11.39 7.85
CA GLU A 95 12.83 11.93 9.19
C GLU A 95 11.63 11.34 9.91
N PHE A 96 10.73 10.68 9.19
CA PHE A 96 9.57 10.03 9.77
C PHE A 96 9.36 8.68 9.12
N GLY A 97 8.56 7.85 9.77
CA GLY A 97 8.21 6.57 9.21
C GLY A 97 7.01 5.96 9.93
N THR A 98 6.77 4.69 9.63
CA THR A 98 5.71 3.92 10.27
C THR A 98 6.24 2.53 10.58
N THR A 99 5.69 1.93 11.63
CA THR A 99 6.08 0.59 12.04
C THR A 99 5.16 -0.44 11.38
N ALA A 100 5.72 -1.64 11.15
CA ALA A 100 5.01 -2.70 10.43
C ALA A 100 5.20 -4.00 11.19
N GLU A 101 4.10 -4.64 11.56
CA GLU A 101 4.10 -5.83 12.41
C GLU A 101 3.68 -7.03 11.57
N ILE A 102 4.55 -8.04 11.52
CA ILE A 102 4.25 -9.25 10.76
C ILE A 102 3.11 -10.00 11.45
N TYR A 103 2.09 -10.33 10.68
CA TYR A 103 0.98 -11.15 11.17
C TYR A 103 0.84 -12.48 10.44
N ALA A 104 1.63 -12.73 9.40
CA ALA A 104 1.61 -14.01 8.70
C ALA A 104 2.99 -14.29 8.15
N TYR A 105 3.39 -15.56 8.22
CA TYR A 105 4.76 -15.98 7.96
C TYR A 105 4.73 -17.31 7.20
N ARG A 106 5.72 -17.49 6.33
CA ARG A 106 5.84 -18.73 5.56
C ARG A 106 7.25 -18.81 5.00
N GLU A 107 7.91 -19.94 5.23
CA GLU A 107 9.25 -20.20 4.71
C GLU A 107 9.16 -21.19 3.57
N GLU A 108 9.82 -20.89 2.47
CA GLU A 108 9.86 -21.74 1.28
C GLU A 108 11.31 -22.08 0.95
N GLN A 109 11.48 -23.06 0.06
CA GLN A 109 12.77 -23.35 -0.52
C GLN A 109 12.60 -23.62 -2.00
N ASP A 110 13.43 -22.99 -2.82
CA ASP A 110 13.34 -23.19 -4.29
C ASP A 110 14.78 -23.37 -4.81
N PHE A 111 15.11 -24.58 -5.28
CA PHE A 111 16.49 -24.89 -5.72
C PHE A 111 17.49 -24.58 -4.62
N GLY A 112 17.15 -24.88 -3.37
CA GLY A 112 18.09 -24.65 -2.27
C GLY A 112 18.19 -23.17 -1.93
N ILE A 113 17.20 -22.37 -2.32
CA ILE A 113 17.17 -20.96 -1.94
C ILE A 113 16.07 -20.80 -0.90
N GLU A 114 16.41 -20.25 0.25
CA GLU A 114 15.43 -19.99 1.30
C GLU A 114 14.69 -18.70 0.95
N ILE A 115 13.40 -18.81 0.65
CA ILE A 115 12.54 -17.67 0.38
C ILE A 115 11.63 -17.49 1.58
N VAL A 116 11.49 -16.25 2.05
CA VAL A 116 10.55 -15.90 3.10
C VAL A 116 9.47 -15.03 2.48
N LYS A 117 8.22 -15.28 2.86
CA LYS A 117 7.08 -14.51 2.40
C LYS A 117 6.28 -14.07 3.62
N VAL A 118 6.14 -12.77 3.80
CA VAL A 118 5.53 -12.22 5.00
C VAL A 118 4.41 -11.27 4.60
N LYS A 119 3.40 -11.18 5.48
CA LYS A 119 2.35 -10.19 5.32
C LYS A 119 2.45 -9.35 6.61
N ALA A 120 2.55 -8.03 6.48
CA ALA A 120 2.74 -7.11 7.59
C ALA A 120 1.68 -6.02 7.55
N ILE A 121 1.49 -5.38 8.70
CA ILE A 121 0.48 -4.34 8.86
C ILE A 121 1.15 -3.11 9.42
N GLY A 122 0.83 -1.95 8.85
CA GLY A 122 1.24 -0.70 9.46
C GLY A 122 0.57 -0.52 10.81
N ARG A 123 1.35 -0.07 11.81
CA ARG A 123 0.84 0.04 13.16
C ARG A 123 0.97 1.48 13.68
N GLN A 124 2.17 1.93 14.02
CA GLN A 124 2.36 3.20 14.69
C GLN A 124 3.35 4.07 13.91
N ARG A 125 3.19 5.38 14.04
CA ARG A 125 4.05 6.32 13.34
C ARG A 125 5.23 6.71 14.24
N PHE A 126 6.30 7.20 13.61
CA PHE A 126 7.47 7.58 14.37
C PHE A 126 8.27 8.67 13.65
N LYS A 127 9.18 9.28 14.42
CA LYS A 127 10.11 10.31 13.96
C LYS A 127 11.52 9.76 14.17
N VAL A 128 12.27 9.64 13.08
CA VAL A 128 13.61 9.05 13.18
C VAL A 128 14.50 9.94 14.03
N LEU A 129 15.13 9.34 15.03
CA LEU A 129 16.12 10.03 15.84
C LEU A 129 17.55 9.72 15.41
N GLU A 130 17.81 8.48 14.98
CA GLU A 130 19.15 8.07 14.62
C GLU A 130 19.08 6.83 13.73
N LEU A 131 20.02 6.75 12.80
CA LEU A 131 20.09 5.62 11.90
C LEU A 131 21.46 4.92 11.94
N ARG A 132 21.49 3.63 11.70
CA ARG A 132 22.72 2.85 11.71
C ARG A 132 22.62 1.73 10.68
N THR A 133 23.61 1.64 9.80
CA THR A 133 23.77 0.46 8.96
C THR A 133 24.72 -0.50 9.67
N GLN A 134 24.46 -1.80 9.50
CA GLN A 134 25.15 -2.83 10.27
C GLN A 134 26.04 -3.67 9.37
N SER A 135 26.65 -4.69 9.99
CA SER A 135 27.55 -5.58 9.27
C SER A 135 26.85 -6.26 8.09
N ASP A 136 25.61 -6.69 8.29
CA ASP A 136 24.85 -7.35 7.23
C ASP A 136 24.31 -6.37 6.19
N GLY A 137 24.55 -5.07 6.34
CA GLY A 137 24.03 -4.08 5.44
C GLY A 137 22.63 -3.62 5.73
N ILE A 138 21.89 -4.42 6.50
CA ILE A 138 20.51 -4.01 6.91
C ILE A 138 20.65 -2.82 7.87
N GLN A 139 19.86 -1.78 7.62
CA GLN A 139 19.95 -0.56 8.44
C GLN A 139 19.08 -0.71 9.70
N GLN A 140 19.44 0.01 10.76
CA GLN A 140 18.64 -0.01 12.00
C GLN A 140 18.29 1.43 12.31
N ALA A 141 17.18 1.66 13.00
CA ALA A 141 16.61 2.99 13.19
C ALA A 141 16.18 3.16 14.63
N LYS A 142 16.67 4.20 15.29
CA LYS A 142 16.24 4.56 16.63
C LYS A 142 15.15 5.61 16.50
N VAL A 143 13.92 5.24 16.85
CA VAL A 143 12.75 6.06 16.55
C VAL A 143 12.02 6.39 17.84
N GLN A 144 11.44 7.58 17.87
CA GLN A 144 10.52 7.99 18.92
C GLN A 144 9.10 7.83 18.40
N ILE A 145 8.27 7.11 19.15
CA ILE A 145 6.90 6.83 18.72
C ILE A 145 6.07 8.11 18.86
N LEU A 146 5.48 8.55 17.75
CA LEU A 146 4.61 9.71 17.78
C LEU A 146 3.22 9.32 18.29
N PRO A 147 2.49 10.27 18.87
CA PRO A 147 1.17 9.96 19.44
C PRO A 147 0.04 10.15 18.44
N GLU A 148 -1.11 9.58 18.75
CA GLU A 148 -2.27 9.77 17.90
C GLU A 148 -3.26 10.72 18.53
N GLY A 149 -3.98 10.24 19.51
CA GLY A 149 -4.77 11.12 20.35
C GLY A 149 -6.22 10.81 20.58
N SER A 150 -6.96 11.80 21.02
CA SER A 150 -8.40 11.62 21.22
C SER A 150 -9.15 12.68 20.42
N GLY A 151 -10.46 12.66 20.50
CA GLY A 151 -11.25 13.59 19.74
C GLY A 151 -12.18 12.95 18.77
N ASP A 152 -13.12 13.72 18.27
CA ASP A 152 -14.10 13.20 17.37
C ASP A 152 -14.32 14.18 16.24
N ALA A 153 -14.80 13.71 15.11
CA ALA A 153 -15.12 14.63 14.02
C ALA A 153 -16.07 13.91 13.06
N GLU A 154 -17.36 13.97 13.37
CA GLU A 154 -18.35 13.28 12.54
C GLU A 154 -18.80 14.11 11.34
N THR A 155 -18.96 15.43 11.51
CA THR A 155 -19.29 16.25 10.36
C THR A 155 -18.28 16.03 9.23
N LEU A 156 -16.99 16.20 9.54
CA LEU A 156 -15.95 16.01 8.52
C LEU A 156 -16.04 14.63 7.89
N MET A 157 -16.06 13.58 8.69
CA MET A 157 -16.04 12.17 8.18
C MET A 157 -17.20 11.96 7.23
N ASP A 158 -18.30 12.67 7.42
CA ASP A 158 -19.54 12.53 6.61
C ASP A 158 -19.42 13.32 5.30
N ARG A 159 -18.83 14.51 5.33
CA ARG A 159 -18.57 15.32 4.12
C ARG A 159 -17.55 14.59 3.25
N ILE A 160 -16.54 13.97 3.86
CA ILE A 160 -15.49 13.24 3.11
C ILE A 160 -16.15 12.02 2.49
N LYS A 161 -17.05 11.35 3.21
CA LYS A 161 -17.74 10.13 2.72
C LYS A 161 -18.77 10.53 1.65
N LYS A 162 -19.32 11.74 1.70
CA LYS A 162 -20.25 12.24 0.67
C LYS A 162 -19.49 12.40 -0.64
N GLN A 163 -18.29 12.98 -0.59
CA GLN A 163 -17.44 13.18 -1.78
C GLN A 163 -17.05 11.82 -2.36
N LEU A 164 -16.55 10.91 -1.52
CA LEU A 164 -16.16 9.57 -1.95
C LEU A 164 -17.31 8.82 -2.61
N ARG A 165 -18.57 9.19 -2.32
CA ARG A 165 -19.70 8.57 -3.01
C ARG A 165 -19.91 9.18 -4.39
N GLU A 166 -19.80 10.50 -4.52
CA GLU A 166 -19.83 11.13 -5.84
C GLU A 166 -18.72 10.60 -6.74
N TRP A 167 -17.73 9.90 -6.17
CA TRP A 167 -16.68 9.27 -6.97
C TRP A 167 -17.02 7.83 -7.35
N ASP A 168 -17.54 7.07 -6.40
CA ASP A 168 -17.83 5.65 -6.57
C ASP A 168 -19.08 5.31 -5.79
N GLU A 169 -20.08 4.79 -6.49
CA GLU A 169 -21.35 4.34 -5.90
C GLU A 169 -21.88 5.27 -4.81
N ASP A 174 -20.65 -0.02 4.67
CA ASP A 174 -19.82 0.37 5.84
C ASP A 174 -18.43 -0.23 5.65
N SER A 175 -17.96 -0.29 4.41
CA SER A 175 -16.57 -0.74 4.15
C SER A 175 -15.61 0.33 4.62
N LEU A 176 -16.12 1.42 5.18
CA LEU A 176 -15.25 2.55 5.57
C LEU A 176 -15.13 2.59 7.10
N PRO A 177 -13.90 2.70 7.66
CA PRO A 177 -13.71 2.88 9.10
C PRO A 177 -14.69 3.89 9.73
N SER A 178 -15.10 3.67 10.98
CA SER A 178 -16.08 4.55 11.68
C SER A 178 -15.37 5.35 12.78
N ASN A 179 -14.07 5.17 12.90
CA ASN A 179 -13.27 5.84 13.95
C ASN A 179 -12.48 6.93 13.25
N PRO A 180 -12.43 8.17 13.79
CA PRO A 180 -11.76 9.25 13.09
C PRO A 180 -10.29 8.95 12.74
N ILE A 181 -9.55 8.35 13.67
CA ILE A 181 -8.11 8.00 13.46
C ILE A 181 -8.01 6.96 12.35
N ASP A 182 -8.86 5.94 12.37
CA ASP A 182 -8.84 4.85 11.37
C ASP A 182 -9.29 5.37 10.00
N PHE A 183 -10.32 6.20 9.96
CA PHE A 183 -10.86 6.78 8.69
C PHE A 183 -9.82 7.71 8.10
N SER A 184 -9.10 8.46 8.92
CA SER A 184 -8.10 9.44 8.44
C SER A 184 -6.96 8.72 7.71
N TYR A 185 -6.49 7.58 8.19
CA TYR A 185 -5.45 6.81 7.53
C TYR A 185 -5.96 6.01 6.33
N TRP A 186 -7.28 5.79 6.25
CA TRP A 186 -7.83 5.15 5.06
C TRP A 186 -7.85 6.11 3.88
N VAL A 187 -8.28 7.36 4.10
CA VAL A 187 -8.20 8.37 3.05
C VAL A 187 -6.75 8.66 2.71
N ALA A 188 -5.90 8.79 3.73
CA ALA A 188 -4.47 9.00 3.49
C ALA A 188 -3.91 7.96 2.52
N ALA A 189 -4.30 6.69 2.69
CA ALA A 189 -3.70 5.60 1.96
C ALA A 189 -4.39 5.29 0.63
N ASN A 190 -5.60 5.79 0.42
CA ASN A 190 -6.44 5.40 -0.75
C ASN A 190 -6.77 6.55 -1.70
N LEU A 191 -6.50 7.80 -1.34
CA LEU A 191 -6.71 8.97 -2.24
C LEU A 191 -5.63 8.97 -3.32
N PRO A 192 -5.94 9.33 -4.59
CA PRO A 192 -4.91 9.47 -5.63
C PRO A 192 -4.10 10.76 -5.46
N ILE A 193 -3.00 10.72 -4.71
CA ILE A 193 -2.23 11.91 -4.36
C ILE A 193 -0.73 11.62 -4.42
N ASP A 194 0.05 12.70 -4.41
CA ASP A 194 1.50 12.61 -4.45
C ASP A 194 2.06 12.22 -3.09
N ASP A 195 3.26 11.63 -3.12
CA ASP A 195 3.91 11.23 -1.88
C ASP A 195 4.29 12.45 -1.03
N SER A 196 4.40 13.63 -1.63
CA SER A 196 4.60 14.84 -0.82
C SER A 196 3.38 15.12 0.04
N LEU A 197 2.19 14.81 -0.45
CA LEU A 197 0.95 15.03 0.34
C LEU A 197 0.72 13.89 1.33
N ARG A 198 1.16 12.67 1.02
CA ARG A 198 1.02 11.59 2.04
C ARG A 198 1.86 11.94 3.27
N ILE A 199 3.06 12.48 3.06
CA ILE A 199 3.94 12.85 4.21
C ILE A 199 3.24 13.95 5.02
N GLN A 200 2.79 15.01 4.37
CA GLN A 200 2.10 16.09 5.07
C GLN A 200 0.98 15.54 5.95
N LEU A 201 0.19 14.61 5.41
CA LEU A 201 -0.86 13.98 6.21
C LEU A 201 -0.27 13.13 7.32
N LEU A 202 0.95 12.60 7.13
CA LEU A 202 1.56 11.78 8.18
C LEU A 202 2.26 12.60 9.25
N LYS A 203 2.57 13.87 8.97
CA LYS A 203 3.20 14.74 9.95
C LYS A 203 2.21 15.29 10.97
N ILE A 204 0.90 15.21 10.67
CA ILE A 204 -0.13 15.67 11.59
C ILE A 204 -0.37 14.63 12.68
N ASP A 205 -0.70 15.09 13.89
CA ASP A 205 -0.95 14.19 15.01
C ASP A 205 -2.43 14.05 15.34
N SER A 206 -3.24 15.08 15.11
CA SER A 206 -4.67 15.02 15.34
C SER A 206 -5.38 14.48 14.10
N ALA A 207 -6.35 13.60 14.32
CA ALA A 207 -7.15 13.11 13.20
C ALA A 207 -8.04 14.22 12.65
N ILE A 208 -8.51 15.09 13.53
CA ILE A 208 -9.44 16.16 13.09
C ILE A 208 -8.72 17.05 12.08
N GLN A 209 -7.48 17.42 12.38
CA GLN A 209 -6.69 18.25 11.47
C GLN A 209 -6.45 17.50 10.16
N ARG A 210 -6.24 16.19 10.23
CA ARG A 210 -5.90 15.40 9.02
C ARG A 210 -7.13 15.27 8.11
N LEU A 211 -8.29 14.92 8.66
CA LEU A 211 -9.50 14.80 7.87
C LEU A 211 -9.84 16.11 7.17
N ARG A 212 -9.53 17.24 7.80
CA ARG A 212 -9.72 18.54 7.15
C ARG A 212 -8.84 18.66 5.91
N CYS A 213 -7.53 18.53 6.09
CA CYS A 213 -6.62 18.61 4.95
C CYS A 213 -7.02 17.63 3.86
N GLU A 214 -7.41 16.42 4.25
CA GLU A 214 -7.77 15.41 3.26
C GLU A 214 -8.99 15.83 2.45
N LEU A 215 -9.89 16.62 3.04
CA LEU A 215 -11.06 17.07 2.30
C LEU A 215 -10.69 18.17 1.30
N ASP A 216 -9.76 19.05 1.67
CA ASP A 216 -9.23 20.01 0.71
C ASP A 216 -8.56 19.29 -0.46
N ILE A 217 -7.62 18.40 -0.13
CA ILE A 217 -6.83 17.72 -1.16
C ILE A 217 -7.72 17.17 -2.26
N MET A 218 -8.82 16.52 -1.87
CA MET A 218 -9.70 15.88 -2.85
C MET A 218 -10.59 16.88 -3.59
N ASN A 219 -10.85 18.05 -3.03
CA ASN A 219 -11.61 19.12 -3.74
C ASN A 219 -10.69 19.72 -4.79
N LYS A 220 -9.38 19.62 -4.57
CA LYS A 220 -8.37 20.19 -5.49
C LYS A 220 -7.72 19.05 -6.28
N CYS A 221 -8.23 17.82 -6.11
CA CYS A 221 -7.70 16.68 -6.90
C CYS A 221 -7.90 16.91 -8.40
N THR A 222 -7.18 16.14 -9.21
CA THR A 222 -7.18 16.34 -10.68
C THR A 222 -7.07 14.97 -11.33
N SER A 223 -6.94 14.94 -12.64
CA SER A 223 -6.67 13.64 -13.30
C SER A 223 -5.27 13.17 -12.93
N LEU A 224 -4.95 11.92 -13.21
CA LEU A 224 -3.60 11.38 -12.98
C LEU A 224 -2.94 11.28 -14.34
N CYS A 225 -1.61 11.48 -14.49
CA CYS A 225 -0.83 11.45 -15.78
C CYS A 225 0.35 10.44 -15.78
N CYS A 226 0.96 10.21 -16.93
CA CYS A 226 2.19 9.38 -17.00
C CYS A 226 3.32 10.25 -16.44
N LYS A 227 4.04 9.75 -15.46
CA LYS A 227 5.08 10.54 -14.77
C LYS A 227 6.26 10.79 -15.71
N GLN A 228 6.59 9.85 -16.57
CA GLN A 228 7.71 9.99 -17.53
C GLN A 228 7.41 11.11 -18.53
N CYS A 229 6.18 11.26 -19.04
CA CYS A 229 5.94 12.29 -20.08
C CYS A 229 5.12 13.52 -19.60
N GLN A 230 4.26 13.42 -18.57
CA GLN A 230 3.53 14.60 -18.04
C GLN A 230 2.66 15.10 -19.18
N GLU A 231 2.32 14.24 -20.14
CA GLU A 231 1.62 14.68 -21.38
C GLU A 231 0.40 13.83 -21.73
N THR A 232 0.11 12.77 -20.97
CA THR A 232 -1.08 11.92 -21.22
C THR A 232 -1.90 11.74 -19.94
N GLU A 233 -3.20 12.06 -19.98
CA GLU A 233 -4.04 11.78 -18.83
C GLU A 233 -4.53 10.34 -18.90
N ILE A 234 -4.31 9.58 -17.83
CA ILE A 234 -4.63 8.16 -17.82
C ILE A 234 -5.97 7.89 -17.15
N THR A 235 -6.28 8.58 -16.05
CA THR A 235 -7.50 8.29 -15.32
C THR A 235 -7.81 9.44 -14.36
N THR A 236 -9.01 9.39 -13.77
CA THR A 236 -9.48 10.43 -12.89
C THR A 236 -9.95 9.84 -11.56
N LYS A 237 -10.36 10.69 -10.62
CA LYS A 237 -10.88 10.25 -9.30
C LYS A 237 -12.24 9.61 -9.44
N ASN A 238 -12.95 9.90 -10.54
CA ASN A 238 -14.35 9.45 -10.74
C ASN A 238 -14.40 8.07 -11.39
N GLU A 239 -13.24 7.47 -11.67
CA GLU A 239 -13.17 6.10 -12.22
C GLU A 239 -12.61 5.12 -11.17
N ILE A 240 -12.29 5.59 -9.98
CA ILE A 240 -11.70 4.69 -8.98
C ILE A 240 -12.78 3.75 -8.46
N PHE A 241 -12.49 2.45 -8.42
CA PHE A 241 -13.45 1.46 -7.88
C PHE A 241 -12.71 0.52 -6.91
N SER A 242 -13.38 0.14 -5.84
CA SER A 242 -12.72 -0.73 -4.84
C SER A 242 -13.09 -2.19 -5.10
N LEU A 243 -12.12 -3.03 -5.50
CA LEU A 243 -12.39 -4.47 -5.68
C LEU A 243 -11.86 -5.22 -4.45
N SER A 244 -11.35 -4.50 -3.47
CA SER A 244 -10.82 -5.11 -2.26
C SER A 244 -11.32 -4.32 -1.05
N ARG A 245 -11.47 -5.01 0.07
CA ARG A 245 -11.92 -4.35 1.30
C ARG A 245 -10.94 -3.25 1.71
N GLU A 246 -9.65 -3.57 1.68
CA GLU A 246 -8.62 -2.57 2.00
C GLU A 246 -9.02 -1.25 1.40
N GLY A 247 -9.23 -1.21 0.08
CA GLY A 247 -9.71 0.00 -0.53
C GLY A 247 -9.43 0.06 -2.03
N PRO A 248 -9.56 1.27 -2.61
CA PRO A 248 -9.20 1.43 -4.03
C PRO A 248 -7.72 1.32 -4.28
N MET A 249 -6.89 1.53 -3.27
CA MET A 249 -5.44 1.51 -3.40
C MET A 249 -4.89 0.47 -2.44
N ALA A 250 -4.04 -0.41 -2.95
CA ALA A 250 -3.52 -1.52 -2.16
C ALA A 250 -2.14 -1.87 -2.69
N ALA A 251 -1.28 -2.33 -1.79
CA ALA A 251 0.07 -2.73 -2.16
C ALA A 251 0.12 -4.23 -2.43
N TYR A 252 0.91 -4.61 -3.44
CA TYR A 252 1.12 -6.00 -3.81
C TYR A 252 2.58 -6.18 -4.15
N VAL A 253 3.00 -7.44 -4.06
CA VAL A 253 4.42 -7.82 -4.28
C VAL A 253 4.46 -8.65 -5.56
N ASN A 254 5.34 -8.30 -6.47
CA ASN A 254 5.53 -9.01 -7.76
C ASN A 254 6.43 -10.22 -7.50
N PRO A 255 6.65 -11.09 -8.50
CA PRO A 255 7.55 -12.23 -8.31
C PRO A 255 8.99 -11.93 -7.84
N HIS A 256 9.50 -10.70 -7.91
CA HIS A 256 10.88 -10.43 -7.56
C HIS A 256 11.04 -9.65 -6.26
N GLY A 257 9.96 -9.52 -5.48
CA GLY A 257 10.02 -8.79 -4.24
C GLY A 257 9.74 -7.31 -4.34
N TYR A 258 9.49 -6.83 -5.55
CA TYR A 258 9.16 -5.41 -5.76
C TYR A 258 7.71 -5.20 -5.36
N VAL A 259 7.51 -4.32 -4.38
CA VAL A 259 6.14 -4.03 -3.90
C VAL A 259 5.61 -2.82 -4.68
N HIS A 260 4.38 -2.95 -5.16
CA HIS A 260 3.74 -1.82 -5.87
C HIS A 260 2.43 -1.44 -5.20
N GLU A 261 2.11 -0.14 -5.18
CA GLU A 261 0.78 0.32 -4.79
C GLU A 261 -0.05 0.48 -6.06
N ILE A 262 -1.25 -0.08 -6.06
CA ILE A 262 -2.07 -0.20 -7.27
C ILE A 262 -3.40 0.48 -7.04
N LEU A 263 -3.76 1.40 -7.94
CA LEU A 263 -5.09 2.00 -7.97
C LEU A 263 -5.96 1.21 -8.95
N THR A 264 -7.09 0.69 -8.47
CA THR A 264 -8.01 -0.05 -9.30
C THR A 264 -9.03 0.92 -9.91
N VAL A 265 -9.14 0.91 -11.24
CA VAL A 265 -10.01 1.84 -11.96
C VAL A 265 -10.75 1.09 -13.06
N TYR A 266 -11.96 1.53 -13.35
CA TYR A 266 -12.78 0.87 -14.41
C TYR A 266 -12.34 1.31 -15.82
N LYS A 267 -12.01 2.58 -16.00
CA LYS A 267 -11.59 3.07 -17.32
C LYS A 267 -10.25 3.77 -17.20
N ALA A 268 -9.35 3.44 -18.11
CA ALA A 268 -8.06 4.14 -18.19
C ALA A 268 -7.88 4.52 -19.67
N CYS A 269 -7.28 5.67 -19.92
CA CYS A 269 -7.18 6.15 -21.31
C CYS A 269 -5.70 6.29 -21.69
N ASN A 270 -5.41 6.36 -22.99
CA ASN A 270 -4.03 6.64 -23.48
C ASN A 270 -3.07 5.52 -23.10
N LEU A 271 -3.57 4.29 -23.10
CA LEU A 271 -2.75 3.10 -22.75
C LEU A 271 -2.79 2.09 -23.89
N ASN A 272 -1.71 1.34 -24.09
CA ASN A 272 -1.60 0.29 -25.13
C ASN A 272 -1.47 -1.04 -24.41
N LEU A 273 -1.93 -2.15 -24.99
CA LEU A 273 -1.89 -3.49 -24.36
C LEU A 273 -0.81 -4.35 -25.02
N ILE A 274 0.20 -4.81 -24.25
CA ILE A 274 1.32 -5.58 -24.75
C ILE A 274 1.20 -6.99 -24.20
N GLY A 275 1.10 -7.98 -25.10
CA GLY A 275 1.12 -9.38 -24.73
C GLY A 275 -0.28 -9.99 -24.72
N ARG A 276 -0.31 -11.25 -24.32
CA ARG A 276 -1.56 -11.97 -24.11
C ARG A 276 -1.89 -12.04 -22.63
N PRO A 277 -3.18 -12.00 -22.26
CA PRO A 277 -3.53 -12.03 -20.83
C PRO A 277 -2.95 -13.26 -20.14
N SER A 278 -2.49 -13.07 -18.91
CA SER A 278 -1.88 -14.14 -18.12
C SER A 278 -2.47 -14.16 -16.72
N THR A 279 -2.46 -15.35 -16.11
CA THR A 279 -2.97 -15.52 -14.75
C THR A 279 -1.87 -15.74 -13.72
N GLU A 280 -0.62 -15.85 -14.14
CA GLU A 280 0.47 -16.20 -13.23
C GLU A 280 0.72 -15.08 -12.23
N HIS A 281 0.70 -15.43 -10.95
CA HIS A 281 1.04 -14.50 -9.86
C HIS A 281 0.03 -13.37 -9.75
N SER A 282 -1.21 -13.59 -10.18
CA SER A 282 -2.19 -12.53 -10.19
C SER A 282 -2.60 -12.15 -8.76
N TRP A 283 -2.63 -10.84 -8.50
CA TRP A 283 -3.09 -10.31 -7.22
C TRP A 283 -4.59 -10.39 -7.05
N PHE A 284 -5.33 -10.59 -8.13
CA PHE A 284 -6.79 -10.57 -8.15
C PHE A 284 -7.24 -11.93 -8.67
N PRO A 285 -7.41 -12.94 -7.79
CA PRO A 285 -7.77 -14.29 -8.23
C PRO A 285 -8.99 -14.39 -9.16
N GLY A 286 -8.89 -15.22 -10.21
CA GLY A 286 -9.97 -15.33 -11.21
C GLY A 286 -9.74 -14.39 -12.37
N TYR A 287 -8.76 -13.50 -12.23
CA TYR A 287 -8.47 -12.52 -13.31
C TYR A 287 -7.13 -12.79 -13.96
N ALA A 288 -6.83 -12.01 -14.99
CA ALA A 288 -5.64 -12.20 -15.80
C ALA A 288 -5.15 -10.84 -16.25
N TRP A 289 -3.83 -10.63 -16.18
CA TRP A 289 -3.25 -9.31 -16.37
C TRP A 289 -2.56 -9.21 -17.73
N THR A 290 -2.60 -8.00 -18.28
CA THR A 290 -1.94 -7.65 -19.52
C THR A 290 -1.26 -6.31 -19.33
N VAL A 291 0.00 -6.21 -19.71
CA VAL A 291 0.76 -4.98 -19.46
C VAL A 291 0.13 -3.84 -20.24
N ALA A 292 0.00 -2.69 -19.57
CA ALA A 292 -0.48 -1.47 -20.19
C ALA A 292 0.63 -0.42 -20.14
N GLN A 293 0.95 0.15 -21.30
CA GLN A 293 1.98 1.17 -21.39
C GLN A 293 1.38 2.46 -21.94
N CYS A 294 2.06 3.57 -21.66
CA CYS A 294 1.63 4.88 -22.15
C CYS A 294 1.69 4.87 -23.67
N LYS A 295 0.75 5.54 -24.33
CA LYS A 295 0.66 5.56 -25.81
C LYS A 295 1.76 6.44 -26.40
N ILE A 296 2.22 7.43 -25.66
CA ILE A 296 3.27 8.34 -26.16
C ILE A 296 4.67 7.81 -25.82
N CYS A 297 4.95 7.54 -24.55
CA CYS A 297 6.35 7.17 -24.14
C CYS A 297 6.58 5.66 -24.04
N ALA A 298 5.52 4.85 -24.02
CA ALA A 298 5.64 3.37 -23.92
C ALA A 298 6.11 2.92 -22.52
N SER A 299 6.01 3.80 -21.53
CA SER A 299 6.39 3.45 -20.15
C SER A 299 5.31 2.58 -19.49
N HIS A 300 5.74 1.60 -18.71
CA HIS A 300 4.81 0.69 -18.06
C HIS A 300 4.08 1.42 -16.93
N ILE A 301 2.78 1.67 -17.13
CA ILE A 301 1.96 2.34 -16.15
C ILE A 301 1.22 1.37 -15.24
N GLY A 302 0.99 0.14 -15.69
CA GLY A 302 0.27 -0.83 -14.88
C GLY A 302 -0.16 -2.04 -15.68
N TRP A 303 -1.35 -2.56 -15.37
CA TRP A 303 -1.88 -3.73 -16.06
C TRP A 303 -3.38 -3.56 -16.25
N LYS A 304 -3.90 -4.27 -17.25
CA LYS A 304 -5.34 -4.39 -17.47
C LYS A 304 -5.75 -5.82 -17.11
N PHE A 305 -6.64 -5.95 -16.12
CA PHE A 305 -7.11 -7.24 -15.67
C PHE A 305 -8.39 -7.62 -16.38
N THR A 306 -8.47 -8.89 -16.76
CA THR A 306 -9.61 -9.44 -17.49
C THR A 306 -10.03 -10.74 -16.83
N ALA A 307 -11.32 -11.02 -16.85
CA ALA A 307 -11.84 -12.21 -16.15
C ALA A 307 -11.68 -13.49 -16.97
N THR A 308 -11.44 -14.60 -16.29
CA THR A 308 -11.21 -15.91 -16.97
C THR A 308 -12.54 -16.65 -17.14
N LYS A 309 -13.62 -16.13 -16.57
CA LYS A 309 -14.97 -16.75 -16.69
C LYS A 309 -16.00 -15.65 -16.98
N LYS A 310 -16.98 -15.95 -17.82
CA LYS A 310 -18.01 -14.94 -18.23
C LYS A 310 -18.98 -14.65 -17.09
N ASP A 311 -19.01 -15.47 -16.04
CA ASP A 311 -19.90 -15.26 -14.88
C ASP A 311 -19.38 -14.19 -13.94
N MET A 312 -18.12 -13.78 -14.08
CA MET A 312 -17.52 -12.79 -13.13
C MET A 312 -18.08 -11.40 -13.41
N SER A 313 -18.56 -10.71 -12.37
CA SER A 313 -19.31 -9.43 -12.56
C SER A 313 -18.43 -8.30 -13.06
N PRO A 314 -17.23 -8.03 -12.49
CA PRO A 314 -16.37 -7.03 -13.10
C PRO A 314 -15.61 -7.87 -14.13
N GLN A 315 -15.87 -7.70 -15.41
CA GLN A 315 -15.22 -8.58 -16.42
C GLN A 315 -13.87 -7.97 -16.79
N LYS A 316 -13.75 -6.65 -16.67
CA LYS A 316 -12.45 -5.99 -16.94
C LYS A 316 -12.21 -4.83 -15.96
N PHE A 317 -10.94 -4.59 -15.60
CA PHE A 317 -10.57 -3.43 -14.75
C PHE A 317 -9.10 -3.09 -14.98
N TRP A 318 -8.68 -1.89 -14.56
CA TRP A 318 -7.28 -1.53 -14.71
C TRP A 318 -6.62 -1.41 -13.34
N GLY A 319 -5.37 -1.88 -13.25
CA GLY A 319 -4.56 -1.67 -12.06
C GLY A 319 -3.30 -0.88 -12.38
N LEU A 320 -3.21 0.35 -11.87
CA LEU A 320 -2.17 1.28 -12.28
C LEU A 320 -1.23 1.57 -11.12
N THR A 321 0.07 1.55 -11.42
CA THR A 321 1.10 1.74 -10.40
C THR A 321 1.20 3.21 -10.02
N ARG A 322 1.01 3.51 -8.75
CA ARG A 322 1.13 4.88 -8.27
C ARG A 322 2.52 5.44 -8.51
N SER A 323 3.48 4.58 -8.85
CA SER A 323 4.86 5.04 -9.15
C SER A 323 4.97 5.62 -10.56
N ALA A 324 4.12 5.20 -11.50
CA ALA A 324 4.17 5.63 -12.91
C ALA A 324 3.18 6.76 -13.17
N LEU A 325 2.51 7.23 -12.13
CA LEU A 325 1.48 8.27 -12.29
C LEU A 325 1.84 9.52 -11.48
N ILE A 326 1.58 10.70 -12.05
CA ILE A 326 1.84 11.98 -11.36
C ILE A 326 0.52 12.78 -11.39
N PRO A 327 0.15 13.50 -10.31
CA PRO A 327 -1.03 14.34 -10.35
C PRO A 327 -0.88 15.54 -11.28
N THR A 328 -1.92 15.85 -12.06
CA THR A 328 -1.89 17.03 -12.97
C THR A 328 -2.18 18.31 -12.18
ZN ZN B . 4.00 8.69 -21.10
N1 QFC C . 8.81 -16.99 -10.29
N3 QFC C . 0.31 -9.86 -10.52
C4 QFC C . 12.85 -15.12 -7.31
C5 QFC C . 12.57 -16.34 -7.95
C6 QFC C . 10.58 -15.42 -9.33
C7 QFC C . 9.72 -15.83 -10.55
C8 QFC C . 8.43 -17.62 -11.79
C10 QFC C . 6.53 -15.96 -12.24
C13 QFC C . 5.76 -13.63 -15.35
C15 QFC C . 7.25 -11.31 -14.41
C17 QFC C . 7.22 -9.13 -13.27
C20 QFC C . 3.64 -10.30 -13.08
C21 QFC C . 5.16 -10.42 -13.48
C22 QFC C . 2.10 -8.52 -11.79
C24 QFC C . -0.36 -8.03 -12.09
C26 QFC C . 1.74 -9.60 -10.71
C28 QFC C . 8.30 -16.32 -13.88
N QFC C . 11.38 -16.58 -8.82
C QFC C . 13.49 -17.43 -7.74
O QFC C . 5.13 -12.60 -14.63
C1 QFC C . 14.64 -17.24 -6.91
C11 QFC C . 5.93 -15.04 -13.09
C12 QFC C . 6.54 -14.76 -14.37
C14 QFC C . 5.86 -11.48 -14.19
C16 QFC C . 7.92 -10.14 -13.95
C18 QFC C . 5.82 -9.26 -13.02
C19 QFC C . 4.72 -8.34 -12.29
C2 QFC C . 14.92 -15.99 -6.26
C23 QFC C . 0.96 -8.32 -12.80
C25 QFC C . -0.80 -9.14 -11.13
C27 QFC C . 7.70 -15.39 -14.74
C29 QFC C . 9.51 -18.07 -9.67
C3 QFC C . 14.00 -14.94 -6.50
C30 QFC C . 10.41 -17.66 -8.47
C31 QFC C . 16.14 -15.79 -5.38
C9 QFC C . 7.73 -16.62 -12.62
F QFC C . 13.26 -18.60 -8.32
N2 QFC C . 3.44 -9.00 -12.37
N4 QFC C . 17.09 -15.64 -4.70
O1 QFC C . 4.92 -7.26 -11.77
O2 QFC C . -1.96 -9.40 -10.92
O3 QFC C . 2.61 -10.14 -10.08
#